data_7QRE
#
_entry.id   7QRE
#
_cell.length_a   164.320
_cell.length_b   164.320
_cell.length_c   164.320
_cell.angle_alpha   90.000
_cell.angle_beta   90.000
_cell.angle_gamma   90.000
#
_symmetry.space_group_name_H-M   'P 41 3 2'
#
loop_
_entity.id
_entity.type
_entity.pdbx_description
1 polymer 'Genome polyprotein'
2 polymer 'Envelope protein E'
3 non-polymer 'ACETATE ION'
4 non-polymer 'SULFATE ION'
5 water water
#
loop_
_entity_poly.entity_id
_entity_poly.type
_entity_poly.pdbx_seq_one_letter_code
_entity_poly.pdbx_strand_id
1 'polypeptide(L)'
;ATVRKERDGSTVIRAEGKDAATQVRVENGTCVILATDMGSWCDDSLSYECVTIDQGEEPVDVDCFCRNVDGVYLEYGRCG
KQEGSRTRGPFEDDDDKAGWSHPQFEKGGGSGGGSGGGSWSHPQFEK
;
D
2 'polypeptide(L)'
;SRCTHLENRDFVTGTQGTTRVTLVLELGGCVTITAEGKPSMDVWLDAIYQENPAKTREYCLHAKLSDTKVAARCPTMGPA
TLAEEHQGGTVCKRDQSDRGWGNHCGLFGKGSIVACVKAACEAKKKATGHVYDANKIVYTVKVEPHTGDYVAANETHSGR
KTASFTISSEKTILTMGEYGDVSLLCRVASGVDLAQTVILELDKTVEHLPTAWQVHRDWFNDLALPWKHEGAQNWNNAER
LVEFGAPHAVKMDVYNLGDQTGVLLKALAGVPVAHIEGTKYHLKSGHVTCEVGLEKLKMKGLTYTMCDKTKFTWKRAPTD
SGHDTVVMEVTFSGTKPCRIPVRAVAHGSPDVNVAMLITPNPTIENNGGGFIEMQLPPGDNIIYVGELSHQWFQKGSSIG
GPFEDDDDKAGWSHPQFEKGGGSGGGSGGGSWSHPQFEK
;
A
#
loop_
_chem_comp.id
_chem_comp.type
_chem_comp.name
_chem_comp.formula
ACT non-polymer 'ACETATE ION' 'C2 H3 O2 -1'
SO4 non-polymer 'SULFATE ION' 'O4 S -2'
#
# COMPACT_ATOMS: atom_id res chain seq x y z
N ALA A 1 -21.03 3.84 46.11
CA ALA A 1 -19.70 3.28 46.25
C ALA A 1 -19.70 1.90 46.95
N THR A 2 -19.03 0.94 46.33
CA THR A 2 -18.90 -0.42 46.87
C THR A 2 -17.58 -0.50 47.63
N VAL A 3 -17.58 -1.23 48.77
CA VAL A 3 -16.37 -1.44 49.56
C VAL A 3 -16.14 -2.97 49.66
N ARG A 4 -14.89 -3.42 49.41
CA ARG A 4 -14.52 -4.82 49.46
C ARG A 4 -13.18 -5.03 50.16
N LYS A 5 -13.10 -6.02 51.07
CA LYS A 5 -11.84 -6.25 51.77
C LYS A 5 -11.06 -7.38 51.13
N GLU A 6 -10.32 -7.04 50.03
CA GLU A 6 -9.44 -7.94 49.25
C GLU A 6 -8.53 -8.68 50.24
N ARG A 7 -8.64 -10.04 50.27
CA ARG A 7 -7.99 -11.00 51.20
C ARG A 7 -6.56 -10.63 51.66
N ASP A 8 -5.76 -9.93 50.82
CA ASP A 8 -4.41 -9.48 51.15
C ASP A 8 -4.38 -8.29 52.18
N GLY A 9 -5.26 -8.37 53.20
CA GLY A 9 -5.42 -7.35 54.24
C GLY A 9 -6.11 -6.08 53.79
N SER A 10 -5.69 -5.57 52.60
CA SER A 10 -6.12 -4.38 51.87
C SER A 10 -7.65 -4.23 51.71
N THR A 11 -8.09 -2.99 51.42
CA THR A 11 -9.49 -2.62 51.20
C THR A 11 -9.57 -1.73 49.93
N VAL A 12 -10.61 -1.90 49.09
CA VAL A 12 -10.77 -1.15 47.86
C VAL A 12 -12.19 -0.54 47.70
N ILE A 13 -12.28 0.80 47.61
CA ILE A 13 -13.51 1.53 47.32
C ILE A 13 -13.55 1.71 45.79
N ARG A 14 -14.65 1.27 45.17
CA ARG A 14 -14.93 1.45 43.74
C ARG A 14 -16.07 2.47 43.66
N ALA A 15 -15.72 3.68 43.21
CA ALA A 15 -16.62 4.82 43.15
C ALA A 15 -17.05 5.20 41.73
N GLU A 16 -18.09 6.07 41.60
CA GLU A 16 -18.61 6.59 40.33
C GLU A 16 -18.82 8.11 40.41
N GLY A 17 -19.41 8.73 39.37
CA GLY A 17 -19.68 10.16 39.32
C GLY A 17 -20.58 10.64 40.45
N LYS A 18 -21.57 9.80 40.83
CA LYS A 18 -22.55 10.00 41.91
C LYS A 18 -21.88 10.09 43.30
N ASP A 19 -20.75 9.36 43.45
CA ASP A 19 -19.94 9.27 44.67
C ASP A 19 -19.00 10.48 44.88
N ALA A 20 -18.91 11.41 43.90
CA ALA A 20 -18.07 12.60 44.03
C ALA A 20 -18.63 13.49 45.14
N ALA A 21 -17.73 14.09 45.95
CA ALA A 21 -18.01 14.96 47.10
C ALA A 21 -18.92 14.28 48.14
N THR A 22 -18.62 13.00 48.48
CA THR A 22 -19.39 12.23 49.47
C THR A 22 -18.49 11.52 50.48
N GLN A 23 -19.11 11.09 51.60
CA GLN A 23 -18.45 10.38 52.68
C GLN A 23 -18.89 8.92 52.64
N VAL A 24 -17.91 8.02 52.74
CA VAL A 24 -18.16 6.59 52.73
C VAL A 24 -17.52 6.00 53.99
N ARG A 25 -18.26 5.15 54.70
CA ARG A 25 -17.73 4.56 55.91
C ARG A 25 -17.08 3.22 55.61
N VAL A 26 -15.80 3.09 55.95
CA VAL A 26 -15.06 1.86 55.73
C VAL A 26 -14.56 1.37 57.08
N GLU A 27 -14.97 0.15 57.46
CA GLU A 27 -14.63 -0.45 58.75
C GLU A 27 -15.06 0.54 59.83
N ASN A 28 -14.18 0.86 60.76
CA ASN A 28 -14.51 1.83 61.80
C ASN A 28 -14.26 3.25 61.34
N GLY A 29 -13.54 3.38 60.22
CA GLY A 29 -13.18 4.66 59.63
C GLY A 29 -14.13 5.23 58.60
N THR A 30 -13.78 6.39 58.07
CA THR A 30 -14.56 7.02 57.00
C THR A 30 -13.60 7.58 55.96
N CYS A 31 -14.00 7.54 54.69
CA CYS A 31 -13.19 8.10 53.61
C CYS A 31 -14.00 9.12 52.84
N VAL A 32 -13.32 10.19 52.39
CA VAL A 32 -13.95 11.25 51.60
C VAL A 32 -13.36 11.22 50.19
N ILE A 33 -14.24 11.06 49.19
CA ILE A 33 -13.89 11.01 47.76
C ILE A 33 -14.24 12.36 47.12
N LEU A 34 -13.22 13.06 46.60
CA LEU A 34 -13.33 14.37 45.98
C LEU A 34 -13.01 14.37 44.49
N ALA A 35 -12.62 13.20 43.94
CA ALA A 35 -12.26 13.01 42.53
C ALA A 35 -13.37 13.49 41.56
N THR A 36 -13.04 14.52 40.78
CA THR A 36 -13.93 15.22 39.84
C THR A 36 -14.16 14.47 38.47
N ASP A 37 -13.15 13.77 37.92
CA ASP A 37 -13.24 13.08 36.61
C ASP A 37 -13.82 11.66 36.67
N MET A 38 -14.71 11.38 37.62
CA MET A 38 -15.25 10.04 37.75
C MET A 38 -16.41 9.73 36.83
N GLY A 39 -16.50 8.47 36.41
CA GLY A 39 -17.55 7.97 35.54
C GLY A 39 -18.04 6.57 35.90
N SER A 40 -18.64 5.87 34.93
CA SER A 40 -19.16 4.51 35.07
C SER A 40 -17.99 3.52 35.09
N TRP A 41 -18.18 2.34 35.69
CA TRP A 41 -17.08 1.37 35.78
C TRP A 41 -16.74 0.74 34.41
N CYS A 42 -15.43 0.67 34.10
CA CYS A 42 -14.87 0.14 32.87
C CYS A 42 -13.33 -0.05 32.94
N ASP A 43 -12.73 -0.49 31.80
CA ASP A 43 -11.30 -0.72 31.55
C ASP A 43 -10.51 0.56 31.70
N ASP A 44 -11.05 1.70 31.23
CA ASP A 44 -10.39 2.99 31.36
C ASP A 44 -10.58 3.37 32.81
N SER A 45 -9.66 2.91 33.64
CA SER A 45 -9.72 3.11 35.08
C SER A 45 -8.42 3.64 35.61
N LEU A 46 -8.47 4.12 36.87
CA LEU A 46 -7.38 4.63 37.66
C LEU A 46 -7.58 4.14 39.12
N SER A 47 -6.52 3.51 39.69
CA SER A 47 -6.48 2.98 41.05
C SER A 47 -5.26 3.52 41.81
N TYR A 48 -5.49 4.10 43.00
CA TYR A 48 -4.44 4.72 43.84
C TYR A 48 -4.84 4.73 45.32
N GLU A 49 -3.90 5.03 46.24
CA GLU A 49 -4.17 5.05 47.69
C GLU A 49 -5.15 6.14 48.08
N CYS A 50 -5.99 5.83 49.08
CA CYS A 50 -6.88 6.77 49.73
C CYS A 50 -6.21 6.96 51.13
N VAL A 51 -5.38 8.02 51.24
CA VAL A 51 -4.51 8.32 52.38
C VAL A 51 -5.21 8.43 53.73
N THR A 52 -4.60 7.79 54.74
CA THR A 52 -5.11 7.90 56.09
C THR A 52 -4.51 9.21 56.66
N ILE A 53 -5.37 10.21 56.93
CA ILE A 53 -4.97 11.49 57.49
C ILE A 53 -5.10 11.40 59.01
N ASP A 54 -3.98 11.64 59.73
CA ASP A 54 -3.94 11.63 61.19
C ASP A 54 -4.95 12.63 61.77
N GLN A 55 -5.73 12.21 62.79
CA GLN A 55 -6.81 12.99 63.41
C GLN A 55 -6.48 14.47 63.63
N GLY A 56 -7.26 15.33 62.97
CA GLY A 56 -7.15 16.78 63.06
C GLY A 56 -6.07 17.39 62.21
N GLU A 57 -5.92 16.89 60.96
CA GLU A 57 -4.95 17.37 59.97
C GLU A 57 -5.67 17.70 58.71
N GLU A 58 -5.26 18.81 58.08
CA GLU A 58 -5.81 19.27 56.81
C GLU A 58 -5.21 18.42 55.69
N PRO A 59 -6.05 17.73 54.87
CA PRO A 59 -5.52 16.98 53.72
C PRO A 59 -4.98 17.96 52.70
N VAL A 60 -3.86 17.58 52.07
CA VAL A 60 -3.15 18.40 51.10
C VAL A 60 -2.73 17.51 49.90
N ASP A 61 -3.09 17.95 48.64
CA ASP A 61 -2.75 17.32 47.35
C ASP A 61 -3.30 15.91 47.17
N VAL A 62 -4.37 15.62 47.90
CA VAL A 62 -5.07 14.34 47.84
C VAL A 62 -6.54 14.59 47.51
N ASP A 63 -7.14 13.75 46.64
CA ASP A 63 -8.55 13.87 46.26
C ASP A 63 -9.37 12.70 46.85
N CYS A 64 -8.73 11.90 47.74
CA CYS A 64 -9.31 10.75 48.42
C CYS A 64 -8.52 10.60 49.73
N PHE A 65 -9.17 10.75 50.87
CA PHE A 65 -8.51 10.64 52.16
C PHE A 65 -9.41 9.97 53.19
N CYS A 66 -8.80 9.20 54.09
CA CYS A 66 -9.44 8.43 55.15
C CYS A 66 -9.05 8.90 56.52
N ARG A 67 -9.88 8.56 57.51
CA ARG A 67 -9.69 8.84 58.94
C ARG A 67 -10.18 7.62 59.71
N ASN A 68 -9.34 7.09 60.62
CA ASN A 68 -9.61 5.95 61.51
C ASN A 68 -9.65 4.58 60.80
N VAL A 69 -9.20 4.54 59.52
CA VAL A 69 -9.10 3.34 58.70
C VAL A 69 -7.86 3.43 57.80
N ASP A 70 -6.97 2.41 57.88
CA ASP A 70 -5.71 2.35 57.12
C ASP A 70 -5.82 1.40 55.90
N GLY A 71 -4.89 1.55 54.96
CA GLY A 71 -4.78 0.72 53.76
C GLY A 71 -5.97 0.71 52.83
N VAL A 72 -6.57 1.91 52.59
CA VAL A 72 -7.73 2.03 51.69
C VAL A 72 -7.27 2.45 50.29
N TYR A 73 -7.85 1.83 49.26
CA TYR A 73 -7.48 2.13 47.88
C TYR A 73 -8.69 2.54 47.10
N LEU A 74 -8.50 3.49 46.17
CA LEU A 74 -9.59 3.99 45.34
C LEU A 74 -9.45 3.57 43.89
N GLU A 75 -10.55 3.08 43.32
CA GLU A 75 -10.62 2.74 41.91
C GLU A 75 -11.91 3.30 41.31
N TYR A 76 -11.79 3.89 40.12
CA TYR A 76 -12.92 4.40 39.37
C TYR A 76 -12.68 4.29 37.87
N GLY A 77 -13.77 4.11 37.12
CA GLY A 77 -13.80 4.07 35.67
C GLY A 77 -14.14 5.45 35.13
N ARG A 78 -13.80 5.73 33.87
CA ARG A 78 -14.04 7.06 33.29
C ARG A 78 -14.97 7.02 32.05
N CYS A 79 -15.98 6.13 32.10
CA CYS A 79 -16.93 5.94 31.00
C CYS A 79 -18.28 6.65 31.23
N GLY A 80 -19.00 6.89 30.13
CA GLY A 80 -20.30 7.56 30.12
C GLY A 80 -20.15 9.06 29.91
N SER B 1 -5.28 -0.56 -29.88
CA SER B 1 -4.45 -1.45 -29.05
C SER B 1 -4.07 -0.77 -27.71
N ARG B 2 -4.05 -1.54 -26.57
CA ARG B 2 -3.69 -1.03 -25.23
C ARG B 2 -2.38 -0.22 -25.26
N CYS B 3 -1.42 -0.75 -25.99
CA CYS B 3 -0.10 -0.17 -26.17
C CYS B 3 -0.11 1.21 -26.83
N THR B 4 -0.98 1.44 -27.81
CA THR B 4 -1.08 2.72 -28.53
C THR B 4 -1.45 3.90 -27.61
N HIS B 5 -2.17 3.58 -26.51
CA HIS B 5 -2.70 4.49 -25.48
C HIS B 5 -1.72 4.98 -24.37
N LEU B 6 -0.58 4.28 -24.20
CA LEU B 6 0.43 4.51 -23.17
C LEU B 6 1.40 5.63 -23.49
N GLU B 7 1.71 6.47 -22.48
CA GLU B 7 2.66 7.61 -22.52
C GLU B 7 4.09 7.08 -22.67
N ASN B 8 4.34 5.93 -22.04
CA ASN B 8 5.62 5.25 -22.09
C ASN B 8 5.48 4.06 -23.07
N ARG B 9 5.64 4.35 -24.34
CA ARG B 9 5.58 3.41 -25.46
C ARG B 9 6.89 3.61 -26.18
N ASP B 10 7.60 2.51 -26.42
CA ASP B 10 8.88 2.49 -27.14
C ASP B 10 8.76 1.60 -28.37
N PHE B 11 9.51 1.93 -29.40
CA PHE B 11 9.54 1.19 -30.63
C PHE B 11 10.89 0.53 -30.84
N VAL B 12 10.87 -0.68 -31.37
CA VAL B 12 12.05 -1.46 -31.71
C VAL B 12 11.81 -1.93 -33.12
N THR B 13 12.52 -1.36 -34.10
CA THR B 13 12.28 -1.80 -35.47
C THR B 13 13.51 -2.50 -36.03
N GLY B 14 13.49 -3.84 -35.96
CA GLY B 14 14.51 -4.74 -36.49
C GLY B 14 14.74 -4.58 -37.99
N THR B 15 15.87 -5.16 -38.46
CA THR B 15 16.33 -5.12 -39.85
C THR B 15 16.12 -6.52 -40.52
N GLN B 16 16.22 -6.60 -41.87
CA GLN B 16 16.10 -7.86 -42.61
C GLN B 16 17.37 -8.69 -42.33
N GLY B 17 17.28 -9.53 -41.31
CA GLY B 17 18.36 -10.38 -40.82
C GLY B 17 18.31 -10.53 -39.31
N THR B 18 17.88 -9.43 -38.60
CA THR B 18 17.73 -9.39 -37.13
C THR B 18 16.73 -10.49 -36.75
N THR B 19 17.08 -11.26 -35.72
CA THR B 19 16.29 -12.37 -35.20
C THR B 19 16.21 -12.32 -33.65
N ARG B 20 17.19 -11.68 -32.98
CA ARG B 20 17.27 -11.46 -31.53
C ARG B 20 17.25 -9.95 -31.28
N VAL B 21 16.47 -9.50 -30.31
CA VAL B 21 16.25 -8.09 -29.93
C VAL B 21 16.33 -7.97 -28.39
N THR B 22 17.19 -7.08 -27.83
CA THR B 22 17.32 -6.89 -26.36
C THR B 22 16.52 -5.67 -25.92
N LEU B 23 15.71 -5.87 -24.89
CA LEU B 23 14.75 -4.90 -24.43
C LEU B 23 14.63 -4.74 -22.96
N VAL B 24 14.40 -3.52 -22.52
CA VAL B 24 14.08 -3.28 -21.11
C VAL B 24 12.58 -2.96 -21.07
N LEU B 25 11.84 -3.75 -20.31
CA LEU B 25 10.39 -3.61 -20.14
C LEU B 25 10.18 -3.13 -18.74
N GLU B 26 9.61 -1.95 -18.61
CA GLU B 26 9.29 -1.30 -17.36
C GLU B 26 7.85 -1.54 -17.01
N LEU B 27 7.51 -1.51 -15.73
CA LEU B 27 6.08 -1.63 -15.40
C LEU B 27 5.35 -0.37 -15.89
N GLY B 28 4.14 -0.55 -16.42
CA GLY B 28 3.35 0.57 -16.91
C GLY B 28 3.65 1.08 -18.31
N GLY B 29 4.67 0.52 -18.96
CA GLY B 29 5.05 0.88 -20.32
C GLY B 29 4.87 -0.29 -21.25
N CYS B 30 5.13 -0.08 -22.55
CA CYS B 30 5.08 -1.12 -23.56
C CYS B 30 6.05 -0.86 -24.66
N VAL B 31 6.33 -1.89 -25.43
CA VAL B 31 7.26 -1.84 -26.57
C VAL B 31 6.56 -2.49 -27.77
N THR B 32 6.61 -1.80 -28.92
CA THR B 32 6.09 -2.32 -30.19
C THR B 32 7.30 -2.72 -31.01
N ILE B 33 7.48 -4.04 -31.20
CA ILE B 33 8.53 -4.65 -32.03
C ILE B 33 8.00 -4.83 -33.47
N THR B 34 8.72 -4.26 -34.45
CA THR B 34 8.46 -4.32 -35.89
C THR B 34 9.69 -4.98 -36.54
N ALA B 35 9.50 -6.05 -37.30
CA ALA B 35 10.59 -6.72 -38.01
C ALA B 35 10.13 -7.00 -39.45
N GLU B 36 11.00 -6.75 -40.46
CA GLU B 36 10.63 -6.93 -41.86
C GLU B 36 10.33 -8.38 -42.24
N GLY B 37 9.17 -8.58 -42.86
CA GLY B 37 8.68 -9.90 -43.27
C GLY B 37 8.05 -10.67 -42.12
N LYS B 38 7.93 -10.01 -40.95
CA LYS B 38 7.37 -10.55 -39.71
C LYS B 38 6.21 -9.62 -39.25
N PRO B 39 5.21 -10.08 -38.46
CA PRO B 39 4.19 -9.12 -37.98
C PRO B 39 4.72 -8.29 -36.78
N SER B 40 3.98 -7.25 -36.38
CA SER B 40 4.36 -6.46 -35.22
C SER B 40 3.72 -7.00 -33.96
N MET B 41 4.53 -7.12 -32.90
CA MET B 41 4.13 -7.62 -31.59
C MET B 41 4.27 -6.53 -30.55
N ASP B 42 3.30 -6.45 -29.63
CA ASP B 42 3.31 -5.55 -28.49
C ASP B 42 3.77 -6.37 -27.25
N VAL B 43 4.99 -6.13 -26.78
CA VAL B 43 5.55 -6.83 -25.61
C VAL B 43 5.53 -5.89 -24.38
N TRP B 44 5.08 -6.38 -23.22
CA TRP B 44 5.07 -5.53 -22.02
C TRP B 44 5.20 -6.31 -20.69
N LEU B 45 5.77 -5.63 -19.68
CA LEU B 45 5.89 -6.18 -18.34
C LEU B 45 4.57 -5.91 -17.66
N ASP B 46 3.86 -6.98 -17.42
CA ASP B 46 2.53 -6.84 -16.86
C ASP B 46 2.52 -6.79 -15.31
N ALA B 47 3.49 -7.44 -14.63
CA ALA B 47 3.55 -7.53 -13.19
C ALA B 47 4.79 -8.19 -12.65
N ILE B 48 5.23 -7.72 -11.47
CA ILE B 48 6.25 -8.34 -10.63
C ILE B 48 5.50 -8.51 -9.33
N TYR B 49 5.31 -9.76 -8.89
CA TYR B 49 4.54 -10.07 -7.69
C TYR B 49 5.06 -11.29 -6.92
N GLN B 50 4.61 -11.42 -5.68
CA GLN B 50 4.91 -12.55 -4.82
C GLN B 50 3.60 -12.89 -4.19
N GLU B 51 3.29 -14.19 -4.12
CA GLU B 51 2.07 -14.67 -3.48
C GLU B 51 2.43 -15.13 -2.11
N ASN B 52 1.63 -14.73 -1.13
CA ASN B 52 1.83 -15.09 0.28
C ASN B 52 3.25 -14.74 0.78
N PRO B 53 3.69 -13.45 0.71
CA PRO B 53 5.04 -13.10 1.19
C PRO B 53 5.11 -13.21 2.71
N ALA B 54 6.33 -13.40 3.25
CA ALA B 54 6.52 -13.49 4.70
C ALA B 54 6.04 -12.17 5.36
N LYS B 55 5.21 -12.29 6.42
CA LYS B 55 4.74 -11.13 7.18
C LYS B 55 5.94 -10.56 7.92
N THR B 56 6.00 -9.21 8.02
CA THR B 56 7.02 -8.54 8.84
C THR B 56 6.36 -8.34 10.23
N ARG B 57 6.89 -7.41 11.02
CA ARG B 57 6.33 -7.02 12.31
C ARG B 57 5.09 -6.16 12.01
N GLU B 58 4.20 -6.02 13.01
CA GLU B 58 3.03 -5.16 12.90
C GLU B 58 3.17 -4.08 13.92
N TYR B 59 2.65 -2.92 13.57
CA TYR B 59 2.71 -1.70 14.37
C TYR B 59 1.34 -1.30 14.86
N CYS B 60 1.32 -0.59 16.00
CA CYS B 60 0.10 -0.08 16.61
C CYS B 60 -0.09 1.42 16.33
N LEU B 61 -1.15 1.76 15.63
CA LEU B 61 -1.47 3.14 15.29
C LEU B 61 -2.25 3.84 16.38
N HIS B 62 -2.96 3.09 17.21
CA HIS B 62 -3.76 3.63 18.30
C HIS B 62 -3.78 2.66 19.48
N ALA B 63 -3.15 3.07 20.60
CA ALA B 63 -3.06 2.26 21.80
C ALA B 63 -4.34 2.27 22.63
N LYS B 64 -4.73 1.11 23.15
CA LYS B 64 -5.89 0.97 24.02
C LYS B 64 -5.31 0.84 25.41
N LEU B 65 -5.47 1.89 26.24
CA LEU B 65 -4.89 1.90 27.58
C LEU B 65 -5.93 1.55 28.63
N SER B 66 -5.51 0.82 29.68
CA SER B 66 -6.40 0.34 30.73
C SER B 66 -5.69 -0.06 32.02
N ASP B 67 -6.48 -0.23 33.11
CA ASP B 67 -6.09 -0.69 34.45
C ASP B 67 -4.83 0.03 34.97
N THR B 68 -4.97 1.36 35.11
CA THR B 68 -3.94 2.26 35.58
C THR B 68 -3.89 2.19 37.09
N LYS B 69 -2.70 1.91 37.60
CA LYS B 69 -2.42 1.79 39.02
C LYS B 69 -1.27 2.74 39.38
N VAL B 70 -1.36 3.38 40.57
CA VAL B 70 -0.36 4.32 41.06
C VAL B 70 0.02 3.84 42.45
N ALA B 71 1.32 3.72 42.72
CA ALA B 71 1.84 3.31 44.03
C ALA B 71 2.79 4.40 44.51
N ALA B 72 2.74 4.76 45.81
CA ALA B 72 3.61 5.80 46.35
C ALA B 72 4.15 5.47 47.73
N ARG B 73 5.39 5.86 47.99
CA ARG B 73 6.03 5.71 49.29
C ARG B 73 6.40 7.10 49.80
N CYS B 74 6.52 7.23 51.13
CA CYS B 74 6.82 8.47 51.86
C CYS B 74 8.31 8.81 51.81
N PRO B 75 8.77 10.09 52.04
CA PRO B 75 10.22 10.35 52.07
C PRO B 75 10.94 9.48 53.07
N THR B 76 12.10 8.90 52.65
CA THR B 76 12.98 7.99 53.41
C THR B 76 12.35 6.59 53.61
N MET B 77 11.22 6.29 52.94
CA MET B 77 10.55 5.00 53.09
C MET B 77 10.84 4.06 51.95
N GLY B 78 11.93 4.33 51.25
CA GLY B 78 12.36 3.51 50.12
C GLY B 78 11.51 3.67 48.88
N PRO B 79 11.66 2.76 47.89
CA PRO B 79 10.90 2.91 46.63
C PRO B 79 9.54 2.21 46.55
N ALA B 80 8.62 2.78 45.73
CA ALA B 80 7.27 2.28 45.46
C ALA B 80 7.28 1.27 44.33
N THR B 81 6.67 0.11 44.55
CA THR B 81 6.63 -0.86 43.45
C THR B 81 5.20 -1.25 43.05
N LEU B 82 5.14 -1.86 41.86
CA LEU B 82 4.01 -2.46 41.16
C LEU B 82 4.68 -3.57 40.35
N ALA B 83 4.16 -4.82 40.39
CA ALA B 83 4.68 -5.99 39.64
C ALA B 83 4.72 -5.76 38.14
N GLU B 84 3.87 -4.84 37.69
CA GLU B 84 3.66 -4.46 36.32
C GLU B 84 4.94 -3.89 35.65
N GLU B 85 5.96 -3.55 36.45
CA GLU B 85 7.23 -3.02 35.93
C GLU B 85 8.08 -4.08 35.19
N HIS B 86 8.17 -5.31 35.73
CA HIS B 86 8.89 -6.44 35.12
C HIS B 86 7.98 -7.29 34.20
N GLN B 87 6.90 -6.67 33.66
CA GLN B 87 5.90 -7.27 32.77
C GLN B 87 5.93 -6.60 31.41
N GLY B 88 5.64 -7.39 30.37
CA GLY B 88 5.64 -6.92 29.00
C GLY B 88 4.39 -6.24 28.47
N GLY B 89 3.23 -6.52 29.09
CA GLY B 89 1.97 -5.93 28.64
C GLY B 89 1.65 -4.52 29.10
N THR B 90 2.63 -3.87 29.74
CA THR B 90 2.53 -2.60 30.43
C THR B 90 3.58 -1.55 30.04
N VAL B 91 3.29 -0.30 30.44
CA VAL B 91 4.16 0.88 30.38
C VAL B 91 4.14 1.43 31.81
N CYS B 92 5.32 1.78 32.34
CA CYS B 92 5.50 2.32 33.70
C CYS B 92 6.35 3.57 33.70
N LYS B 93 6.21 4.37 34.76
CA LYS B 93 7.00 5.59 34.99
C LYS B 93 7.26 5.77 36.46
N ARG B 94 8.54 5.89 36.80
CA ARG B 94 9.01 6.16 38.15
C ARG B 94 9.20 7.65 38.23
N ASP B 95 8.68 8.28 39.26
CA ASP B 95 8.84 9.72 39.48
C ASP B 95 8.88 9.98 40.99
N GLN B 96 8.99 11.25 41.39
CA GLN B 96 8.97 11.65 42.79
C GLN B 96 7.83 12.64 42.95
N SER B 97 7.13 12.59 44.11
CA SER B 97 6.02 13.49 44.42
C SER B 97 6.30 14.22 45.72
N ASP B 98 5.76 15.44 45.86
CA ASP B 98 5.92 16.24 47.08
C ASP B 98 5.00 15.68 48.16
N ARG B 99 5.57 15.31 49.30
CA ARG B 99 4.88 14.68 50.42
C ARG B 99 5.01 15.43 51.73
N GLY B 100 4.05 15.25 52.62
CA GLY B 100 4.05 15.89 53.92
C GLY B 100 3.04 15.29 54.86
N TRP B 101 2.80 15.97 55.98
CA TRP B 101 1.85 15.58 57.02
C TRP B 101 0.40 15.42 56.54
N GLY B 102 -0.03 16.29 55.62
CA GLY B 102 -1.39 16.31 55.09
C GLY B 102 -1.64 15.31 54.00
N ASN B 103 -0.71 14.36 53.83
CA ASN B 103 -0.82 13.29 52.85
C ASN B 103 -0.13 12.03 53.38
N HIS B 104 -0.20 11.87 54.73
CA HIS B 104 0.20 10.73 55.57
C HIS B 104 1.71 10.48 55.71
N CYS B 105 2.55 11.51 55.58
CA CYS B 105 4.00 11.33 55.79
C CYS B 105 4.44 12.13 56.98
N GLY B 106 5.31 11.55 57.78
CA GLY B 106 5.85 12.24 58.94
C GLY B 106 6.92 13.24 58.57
N LEU B 107 7.40 13.16 57.32
CA LEU B 107 8.42 14.02 56.75
C LEU B 107 7.94 14.77 55.52
N PHE B 108 8.44 16.00 55.36
CA PHE B 108 8.18 16.83 54.19
C PHE B 108 9.38 16.68 53.29
N GLY B 109 9.13 16.26 52.06
CA GLY B 109 10.16 16.03 51.05
C GLY B 109 9.54 15.25 49.92
N LYS B 110 10.37 14.86 48.93
CA LYS B 110 9.99 14.08 47.76
C LYS B 110 9.91 12.61 48.15
N GLY B 111 8.84 11.94 47.75
CA GLY B 111 8.66 10.52 47.99
C GLY B 111 8.49 9.77 46.68
N SER B 112 8.84 8.47 46.65
CA SER B 112 8.74 7.67 45.43
C SER B 112 7.29 7.49 44.97
N ILE B 113 7.06 7.61 43.66
CA ILE B 113 5.76 7.40 43.01
C ILE B 113 5.95 6.62 41.71
N VAL B 114 5.16 5.57 41.52
CA VAL B 114 5.21 4.79 40.28
C VAL B 114 3.78 4.64 39.75
N ALA B 115 3.60 4.87 38.45
CA ALA B 115 2.32 4.67 37.76
C ALA B 115 2.54 3.64 36.63
N CYS B 116 1.62 2.68 36.50
CA CYS B 116 1.67 1.66 35.45
C CYS B 116 0.32 1.59 34.79
N VAL B 117 0.33 1.32 33.48
CA VAL B 117 -0.88 1.17 32.66
C VAL B 117 -0.72 -0.09 31.74
N LYS B 118 -1.85 -0.72 31.35
CA LYS B 118 -1.87 -1.88 30.47
C LYS B 118 -2.12 -1.39 29.04
N ALA B 119 -1.10 -1.55 28.20
CA ALA B 119 -1.08 -1.13 26.82
C ALA B 119 -1.37 -2.26 25.84
N ALA B 120 -2.41 -2.10 25.03
CA ALA B 120 -2.77 -3.03 23.97
C ALA B 120 -3.02 -2.15 22.73
N CYS B 121 -3.71 -2.67 21.72
CA CYS B 121 -4.04 -1.97 20.49
C CYS B 121 -5.55 -1.98 20.30
N GLU B 122 -6.06 -0.93 19.65
CA GLU B 122 -7.46 -0.79 19.31
C GLU B 122 -7.78 -1.73 18.16
N ALA B 123 -9.04 -2.10 18.05
CA ALA B 123 -9.50 -2.98 16.98
C ALA B 123 -9.36 -2.24 15.66
N LYS B 124 -8.83 -2.91 14.63
CA LYS B 124 -8.62 -2.35 13.30
C LYS B 124 -7.63 -1.18 13.28
N LYS B 125 -6.70 -1.09 14.22
CA LYS B 125 -5.76 0.05 14.22
C LYS B 125 -4.25 -0.36 14.11
N LYS B 126 -3.97 -1.43 13.36
CA LYS B 126 -2.66 -1.95 13.07
C LYS B 126 -2.22 -1.59 11.63
N ALA B 127 -0.91 -1.44 11.43
CA ALA B 127 -0.25 -1.26 10.15
C ALA B 127 0.60 -2.53 10.04
N THR B 128 0.34 -3.31 9.01
CA THR B 128 0.99 -4.60 8.80
C THR B 128 1.93 -4.51 7.60
N GLY B 129 2.90 -5.40 7.57
CA GLY B 129 3.84 -5.45 6.49
C GLY B 129 4.06 -6.86 5.99
N HIS B 130 4.57 -6.95 4.78
CA HIS B 130 5.02 -8.14 4.11
C HIS B 130 6.29 -7.77 3.36
N VAL B 131 7.30 -8.63 3.44
CA VAL B 131 8.55 -8.41 2.76
C VAL B 131 8.70 -9.39 1.56
N TYR B 132 9.46 -9.01 0.53
CA TYR B 132 9.67 -9.83 -0.66
C TYR B 132 10.86 -10.75 -0.56
N ASP B 133 10.92 -11.77 -1.44
CA ASP B 133 12.01 -12.77 -1.54
C ASP B 133 12.26 -13.01 -3.03
N ALA B 134 13.47 -12.68 -3.52
CA ALA B 134 13.85 -12.87 -4.93
C ALA B 134 13.64 -14.28 -5.37
N ASN B 135 13.73 -15.21 -4.43
CA ASN B 135 13.55 -16.63 -4.67
C ASN B 135 12.11 -17.02 -4.89
N LYS B 136 11.20 -16.12 -4.60
CA LYS B 136 9.77 -16.41 -4.66
C LYS B 136 9.00 -15.47 -5.53
N ILE B 137 9.61 -14.39 -6.02
CA ILE B 137 8.90 -13.46 -6.90
C ILE B 137 8.66 -14.10 -8.23
N VAL B 138 7.61 -13.65 -8.91
CA VAL B 138 7.15 -14.10 -10.21
C VAL B 138 7.00 -12.82 -11.01
N TYR B 139 7.36 -12.86 -12.30
CA TYR B 139 7.16 -11.73 -13.19
C TYR B 139 6.53 -12.21 -14.50
N THR B 140 5.42 -11.56 -14.84
CA THR B 140 4.53 -11.79 -15.94
C THR B 140 4.80 -10.79 -17.07
N VAL B 141 5.13 -11.33 -18.26
CA VAL B 141 5.42 -10.61 -19.50
C VAL B 141 4.37 -11.02 -20.52
N LYS B 142 3.70 -10.03 -21.13
CA LYS B 142 2.66 -10.28 -22.13
C LYS B 142 3.11 -9.94 -23.55
N VAL B 143 2.60 -10.70 -24.54
CA VAL B 143 2.90 -10.53 -25.99
C VAL B 143 1.55 -10.63 -26.69
N GLU B 144 1.26 -9.69 -27.60
CA GLU B 144 0.00 -9.61 -28.37
C GLU B 144 0.27 -9.04 -29.76
N PRO B 145 -0.25 -9.63 -30.85
CA PRO B 145 -0.01 -9.03 -32.17
C PRO B 145 -0.60 -7.63 -32.27
N HIS B 146 0.19 -6.70 -32.79
CA HIS B 146 -0.20 -5.32 -32.96
C HIS B 146 -1.02 -5.22 -34.26
N THR B 147 -2.30 -5.57 -34.14
CA THR B 147 -3.20 -5.58 -35.28
C THR B 147 -4.48 -4.81 -34.97
N GLY B 148 -4.78 -4.65 -33.68
CA GLY B 148 -6.00 -3.97 -33.23
C GLY B 148 -7.21 -4.81 -33.59
N ASP B 149 -7.17 -6.10 -33.18
CA ASP B 149 -8.23 -7.07 -33.41
C ASP B 149 -8.73 -7.54 -32.05
N TYR B 150 -10.00 -7.19 -31.75
CA TYR B 150 -10.64 -7.49 -30.47
C TYR B 150 -11.94 -8.23 -30.74
N VAL B 151 -12.22 -9.25 -29.91
CA VAL B 151 -13.44 -10.05 -30.00
C VAL B 151 -14.49 -9.41 -29.08
N ALA B 152 -15.10 -8.29 -29.53
CA ALA B 152 -16.13 -7.53 -28.81
C ALA B 152 -17.49 -8.27 -28.74
N ALA B 153 -17.44 -9.59 -28.94
CA ALA B 153 -18.57 -10.49 -28.83
C ALA B 153 -18.51 -11.09 -27.43
N ASN B 154 -17.38 -11.76 -27.08
CA ASN B 154 -17.16 -12.35 -25.76
C ASN B 154 -16.18 -11.53 -24.89
N GLU B 155 -15.90 -10.26 -25.30
CA GLU B 155 -14.99 -9.27 -24.66
C GLU B 155 -13.60 -9.84 -24.34
N THR B 156 -13.09 -10.69 -25.25
CA THR B 156 -11.79 -11.36 -25.12
C THR B 156 -10.72 -10.77 -26.05
N HIS B 157 -9.49 -10.56 -25.50
CA HIS B 157 -8.34 -10.05 -26.25
C HIS B 157 -7.81 -11.18 -27.11
N SER B 158 -7.91 -11.02 -28.44
CA SER B 158 -7.46 -12.06 -29.37
C SER B 158 -5.97 -12.01 -29.60
N GLY B 159 -5.36 -13.20 -29.50
CA GLY B 159 -3.93 -13.39 -29.71
C GLY B 159 -3.03 -13.03 -28.56
N ARG B 160 -3.57 -12.55 -27.42
CA ARG B 160 -2.78 -12.19 -26.25
C ARG B 160 -2.23 -13.45 -25.53
N LYS B 161 -0.91 -13.48 -25.29
CA LYS B 161 -0.23 -14.60 -24.64
C LYS B 161 0.59 -14.11 -23.46
N THR B 162 0.52 -14.84 -22.31
CA THR B 162 1.22 -14.52 -21.06
C THR B 162 2.31 -15.53 -20.71
N ALA B 163 3.53 -15.03 -20.51
CA ALA B 163 4.69 -15.78 -20.09
C ALA B 163 4.99 -15.40 -18.66
N SER B 164 5.10 -16.38 -17.75
CA SER B 164 5.44 -16.25 -16.33
C SER B 164 6.87 -16.71 -16.06
N PHE B 165 7.68 -15.86 -15.46
CA PHE B 165 9.04 -16.27 -15.18
C PHE B 165 9.31 -16.19 -13.72
N THR B 166 10.35 -16.90 -13.27
CA THR B 166 10.90 -16.83 -11.92
C THR B 166 12.42 -16.68 -12.09
N ILE B 167 13.17 -16.48 -11.00
CA ILE B 167 14.65 -16.39 -11.03
C ILE B 167 15.26 -17.66 -11.69
N SER B 168 14.68 -18.84 -11.42
CA SER B 168 15.17 -20.07 -12.04
C SER B 168 14.70 -20.18 -13.50
N SER B 169 13.37 -20.36 -13.66
CA SER B 169 12.68 -20.44 -14.95
C SER B 169 12.61 -19.07 -15.61
N GLU B 170 13.68 -18.69 -16.34
CA GLU B 170 13.66 -17.37 -16.96
C GLU B 170 13.73 -17.38 -18.51
N LYS B 171 13.38 -18.53 -19.15
CA LYS B 171 13.30 -18.75 -20.60
C LYS B 171 11.88 -19.30 -20.92
N THR B 172 11.32 -18.94 -22.09
CA THR B 172 9.96 -19.32 -22.55
C THR B 172 9.85 -19.15 -24.08
N ILE B 173 8.90 -19.88 -24.69
CA ILE B 173 8.50 -19.80 -26.08
C ILE B 173 6.98 -19.72 -26.07
N LEU B 174 6.44 -18.64 -26.64
CA LEU B 174 5.00 -18.40 -26.72
C LEU B 174 4.56 -18.64 -28.13
N THR B 175 3.46 -19.38 -28.31
CA THR B 175 2.90 -19.67 -29.62
C THR B 175 1.84 -18.61 -29.94
N MET B 176 2.13 -17.69 -30.89
CA MET B 176 1.23 -16.60 -31.27
C MET B 176 0.15 -17.01 -32.31
N GLY B 177 -0.34 -18.24 -32.16
CA GLY B 177 -1.35 -18.83 -33.05
C GLY B 177 -0.83 -19.01 -34.44
N GLU B 178 -1.53 -18.39 -35.40
CA GLU B 178 -1.23 -18.46 -36.83
C GLU B 178 -0.06 -17.55 -37.24
N TYR B 179 0.53 -16.83 -36.28
CA TYR B 179 1.68 -15.93 -36.48
C TYR B 179 3.03 -16.59 -36.14
N GLY B 180 3.01 -17.83 -35.65
CA GLY B 180 4.23 -18.57 -35.32
C GLY B 180 4.65 -18.50 -33.86
N ASP B 181 5.97 -18.45 -33.60
CA ASP B 181 6.48 -18.45 -32.23
C ASP B 181 7.50 -17.37 -31.91
N VAL B 182 7.36 -16.84 -30.70
CA VAL B 182 8.25 -15.81 -30.16
C VAL B 182 8.91 -16.36 -28.87
N SER B 183 10.25 -16.34 -28.79
CA SER B 183 11.00 -16.79 -27.63
C SER B 183 11.39 -15.61 -26.74
N LEU B 184 11.29 -15.77 -25.40
CA LEU B 184 11.68 -14.73 -24.46
C LEU B 184 12.62 -15.28 -23.39
N LEU B 185 13.74 -14.60 -23.15
CA LEU B 185 14.71 -14.91 -22.10
C LEU B 185 14.73 -13.64 -21.25
N CYS B 186 13.99 -13.61 -20.11
CA CYS B 186 13.87 -12.42 -19.28
C CYS B 186 14.57 -12.52 -17.96
N ARG B 187 15.44 -11.54 -17.65
CA ARG B 187 16.17 -11.44 -16.39
C ARG B 187 15.59 -10.27 -15.58
N VAL B 188 15.06 -10.53 -14.38
CA VAL B 188 14.51 -9.47 -13.53
C VAL B 188 15.65 -8.68 -12.90
N ALA B 189 15.51 -7.36 -12.95
CA ALA B 189 16.44 -6.45 -12.34
C ALA B 189 15.59 -5.56 -11.44
N SER B 190 15.70 -5.79 -10.12
CA SER B 190 14.94 -5.05 -9.09
C SER B 190 15.64 -3.75 -8.73
N GLY B 191 16.99 -3.75 -8.74
CA GLY B 191 17.82 -2.62 -8.39
C GLY B 191 17.77 -2.35 -6.88
N VAL B 192 16.61 -2.70 -6.28
CA VAL B 192 16.26 -2.61 -4.87
C VAL B 192 16.29 -4.03 -4.28
N ASP B 193 16.88 -4.17 -3.09
CA ASP B 193 16.97 -5.43 -2.37
C ASP B 193 15.51 -5.79 -2.11
N LEU B 194 14.99 -6.85 -2.77
CA LEU B 194 13.62 -7.28 -2.57
C LEU B 194 13.42 -7.66 -1.12
N ALA B 195 14.45 -8.26 -0.51
CA ALA B 195 14.48 -8.60 0.91
C ALA B 195 14.55 -7.34 1.80
N GLN B 196 14.68 -6.14 1.17
CA GLN B 196 14.70 -4.82 1.82
C GLN B 196 13.56 -3.91 1.32
N THR B 197 12.54 -4.54 0.68
CA THR B 197 11.33 -3.89 0.16
C THR B 197 10.18 -4.43 0.97
N VAL B 198 9.39 -3.53 1.53
CA VAL B 198 8.23 -3.88 2.33
C VAL B 198 7.01 -3.28 1.67
N ILE B 199 5.89 -3.99 1.72
CA ILE B 199 4.59 -3.52 1.31
C ILE B 199 3.81 -3.35 2.60
N LEU B 200 3.32 -2.12 2.78
CA LEU B 200 2.65 -1.68 3.98
C LEU B 200 1.16 -1.52 3.74
N GLU B 201 0.32 -2.12 4.61
CA GLU B 201 -1.14 -1.98 4.54
C GLU B 201 -1.63 -1.47 5.89
N LEU B 202 -2.82 -0.81 5.92
CA LEU B 202 -3.46 -0.42 7.18
C LEU B 202 -4.82 -1.13 7.27
N ASP B 203 -5.15 -1.65 8.46
CA ASP B 203 -6.41 -2.32 8.74
C ASP B 203 -7.55 -1.39 8.36
N LYS B 204 -8.50 -1.90 7.57
CA LYS B 204 -9.60 -1.11 7.08
C LYS B 204 -10.50 -0.62 8.18
N THR B 205 -10.84 0.68 8.13
CA THR B 205 -11.75 1.42 9.01
C THR B 205 -12.81 2.03 8.10
N VAL B 206 -13.55 3.05 8.55
CA VAL B 206 -14.61 3.62 7.71
C VAL B 206 -14.09 4.54 6.61
N GLU B 207 -12.99 5.27 6.84
CA GLU B 207 -12.39 6.17 5.87
C GLU B 207 -11.85 5.41 4.69
N HIS B 208 -11.82 6.03 3.50
CA HIS B 208 -11.28 5.41 2.29
C HIS B 208 -9.85 5.83 2.11
N LEU B 209 -8.95 4.81 2.05
CA LEU B 209 -7.51 5.06 1.89
C LEU B 209 -6.89 4.23 0.78
N PRO B 210 -5.65 4.56 0.34
CA PRO B 210 -4.96 3.69 -0.62
C PRO B 210 -4.82 2.29 -0.03
N THR B 211 -4.71 1.29 -0.91
CA THR B 211 -4.61 -0.15 -0.64
C THR B 211 -3.39 -0.42 0.25
N ALA B 212 -2.22 -0.06 -0.28
CA ALA B 212 -0.94 -0.29 0.33
C ALA B 212 0.05 0.69 -0.26
N TRP B 213 1.28 0.69 0.30
CA TRP B 213 2.42 1.51 -0.13
C TRP B 213 3.65 0.62 -0.18
N GLN B 214 4.57 0.88 -1.13
CA GLN B 214 5.85 0.19 -1.22
C GLN B 214 6.90 1.11 -0.58
N VAL B 215 7.43 0.66 0.57
CA VAL B 215 8.41 1.37 1.42
C VAL B 215 9.69 0.55 1.52
N HIS B 216 10.80 1.16 1.94
CA HIS B 216 12.08 0.49 2.15
C HIS B 216 12.00 -0.07 3.54
N ARG B 217 12.52 -1.30 3.76
CA ARG B 217 12.53 -1.97 5.06
C ARG B 217 13.24 -1.19 6.18
N ASP B 218 14.29 -0.43 5.81
CA ASP B 218 15.10 0.47 6.66
C ASP B 218 14.11 1.34 7.40
N TRP B 219 13.41 2.22 6.65
CA TRP B 219 12.37 3.14 7.06
C TRP B 219 11.27 2.46 7.89
N PHE B 220 10.66 1.40 7.35
CA PHE B 220 9.56 0.70 8.03
C PHE B 220 9.90 0.23 9.44
N ASN B 221 11.14 -0.24 9.63
CA ASN B 221 11.64 -0.69 10.92
C ASN B 221 11.96 0.49 11.86
N ASP B 222 12.02 1.72 11.32
CA ASP B 222 12.31 2.90 12.13
C ASP B 222 11.07 3.69 12.57
N LEU B 223 9.86 3.20 12.24
CA LEU B 223 8.59 3.84 12.66
C LEU B 223 8.51 3.89 14.17
N ALA B 224 8.21 5.07 14.72
CA ALA B 224 8.14 5.34 16.16
C ALA B 224 6.79 4.95 16.74
N LEU B 225 6.45 3.66 16.58
CA LEU B 225 5.21 3.09 17.11
C LEU B 225 5.50 1.80 17.84
N PRO B 226 4.60 1.38 18.78
CA PRO B 226 4.75 0.06 19.39
C PRO B 226 4.66 -0.98 18.28
N TRP B 227 5.36 -2.09 18.43
CA TRP B 227 5.36 -3.16 17.40
C TRP B 227 5.43 -4.54 18.04
N LYS B 228 5.17 -5.55 17.22
CA LYS B 228 5.19 -6.94 17.64
C LYS B 228 5.13 -7.83 16.38
N HIS B 229 5.46 -9.14 16.53
CA HIS B 229 5.33 -10.12 15.45
C HIS B 229 3.96 -10.78 15.64
N GLU B 230 3.18 -11.01 14.56
CA GLU B 230 1.86 -11.66 14.69
C GLU B 230 2.00 -12.95 15.51
N GLY B 231 1.25 -13.02 16.61
CA GLY B 231 1.27 -14.15 17.53
C GLY B 231 1.72 -13.77 18.93
N ALA B 232 2.59 -12.72 19.03
CA ALA B 232 3.15 -12.21 20.29
C ALA B 232 2.06 -11.77 21.26
N GLN B 233 2.30 -11.95 22.54
CA GLN B 233 1.31 -11.61 23.55
C GLN B 233 1.14 -10.10 23.70
N ASN B 234 2.26 -9.38 23.82
CA ASN B 234 2.27 -7.95 24.06
C ASN B 234 3.02 -7.19 22.99
N TRP B 235 2.84 -5.84 23.02
CA TRP B 235 3.47 -4.87 22.15
C TRP B 235 4.75 -4.45 22.79
N ASN B 236 5.77 -4.33 21.98
CA ASN B 236 7.09 -3.84 22.31
C ASN B 236 7.08 -2.36 22.01
N ASN B 237 7.74 -1.57 22.87
CA ASN B 237 7.85 -0.12 22.75
C ASN B 237 6.50 0.54 22.89
N ALA B 238 5.62 -0.02 23.73
CA ALA B 238 4.29 0.50 24.02
C ALA B 238 4.28 1.92 24.62
N GLU B 239 5.43 2.30 25.22
CA GLU B 239 5.71 3.61 25.83
C GLU B 239 5.72 4.77 24.83
N ARG B 240 5.69 4.47 23.51
CA ARG B 240 5.73 5.42 22.40
C ARG B 240 4.40 6.12 22.20
N LEU B 241 3.32 5.58 22.78
CA LEU B 241 1.97 6.11 22.63
C LEU B 241 1.32 6.50 23.97
N VAL B 242 2.18 6.70 24.99
CA VAL B 242 1.78 7.02 26.37
C VAL B 242 2.54 8.23 26.85
N GLU B 243 1.84 9.03 27.67
CA GLU B 243 2.28 10.27 28.29
C GLU B 243 1.77 10.27 29.76
N PHE B 244 2.69 10.40 30.69
CA PHE B 244 2.40 10.44 32.10
C PHE B 244 2.24 11.89 32.53
N GLY B 245 1.29 12.13 33.44
CA GLY B 245 1.00 13.45 33.96
C GLY B 245 1.87 13.81 35.15
N ALA B 246 1.80 15.08 35.59
CA ALA B 246 2.55 15.58 36.74
C ALA B 246 2.12 14.78 37.98
N PRO B 247 3.07 14.23 38.79
CA PRO B 247 2.63 13.48 39.95
C PRO B 247 2.12 14.39 41.07
N HIS B 248 0.99 13.99 41.65
CA HIS B 248 0.39 14.64 42.82
C HIS B 248 0.86 13.74 43.95
N ALA B 249 0.49 14.00 45.20
CA ALA B 249 0.99 13.25 46.34
C ALA B 249 1.05 11.74 46.10
N VAL B 250 -0.10 11.11 45.77
CA VAL B 250 -0.20 9.65 45.59
C VAL B 250 -0.85 9.21 44.26
N LYS B 251 -1.24 10.18 43.41
CA LYS B 251 -1.96 10.02 42.14
C LYS B 251 -1.12 10.62 41.04
N MET B 252 -1.16 10.01 39.85
CA MET B 252 -0.41 10.45 38.68
C MET B 252 -1.18 9.92 37.49
N ASP B 253 -1.77 10.81 36.69
CA ASP B 253 -2.59 10.35 35.56
C ASP B 253 -1.80 9.87 34.34
N VAL B 254 -2.36 8.89 33.63
CA VAL B 254 -1.78 8.31 32.42
C VAL B 254 -2.70 8.60 31.23
N TYR B 255 -2.15 9.31 30.21
CA TYR B 255 -2.86 9.73 29.00
C TYR B 255 -2.43 9.00 27.78
N ASN B 256 -3.32 9.01 26.75
CA ASN B 256 -3.09 8.41 25.43
C ASN B 256 -2.44 9.49 24.57
N LEU B 257 -1.68 9.09 23.54
CA LEU B 257 -1.02 10.05 22.64
C LEU B 257 -1.72 10.20 21.28
N GLY B 258 -2.95 9.67 21.20
CA GLY B 258 -3.80 9.74 20.03
C GLY B 258 -3.56 8.72 18.94
N ASP B 259 -4.44 8.76 17.93
CA ASP B 259 -4.42 7.94 16.76
C ASP B 259 -3.33 8.49 15.86
N GLN B 260 -2.37 7.62 15.52
CA GLN B 260 -1.25 7.94 14.66
C GLN B 260 -1.51 7.80 13.17
N THR B 261 -2.75 7.48 12.74
CA THR B 261 -3.07 7.35 11.31
C THR B 261 -2.65 8.61 10.52
N GLY B 262 -3.04 9.80 10.97
CA GLY B 262 -2.67 11.07 10.33
C GLY B 262 -1.17 11.24 10.19
N VAL B 263 -0.44 10.94 11.29
CA VAL B 263 1.02 11.02 11.37
C VAL B 263 1.67 10.16 10.28
N LEU B 264 1.27 8.87 10.23
CA LEU B 264 1.76 7.91 9.26
C LEU B 264 1.43 8.30 7.84
N LEU B 265 0.20 8.78 7.58
CA LEU B 265 -0.23 9.14 6.22
C LEU B 265 0.45 10.39 5.68
N LYS B 266 0.95 11.26 6.60
CA LYS B 266 1.69 12.49 6.29
C LYS B 266 3.03 12.01 5.76
N ALA B 267 3.66 11.05 6.46
CA ALA B 267 4.91 10.44 6.05
C ALA B 267 4.80 9.70 4.69
N LEU B 268 3.63 9.06 4.43
CA LEU B 268 3.40 8.29 3.20
C LEU B 268 3.01 9.15 1.96
N ALA B 269 2.86 10.48 2.12
CA ALA B 269 2.58 11.37 0.99
C ALA B 269 3.84 11.36 0.12
N GLY B 270 3.64 11.08 -1.16
CA GLY B 270 4.76 10.93 -2.10
C GLY B 270 5.44 9.57 -2.12
N VAL B 271 4.85 8.57 -1.41
CA VAL B 271 5.33 7.19 -1.40
C VAL B 271 4.45 6.45 -2.44
N PRO B 272 5.02 5.55 -3.30
CA PRO B 272 4.18 4.91 -4.32
C PRO B 272 3.14 3.98 -3.71
N VAL B 273 1.86 4.16 -4.10
CA VAL B 273 0.78 3.33 -3.61
C VAL B 273 0.74 2.04 -4.44
N ALA B 274 0.88 0.89 -3.76
CA ALA B 274 0.93 -0.46 -4.34
C ALA B 274 -0.39 -1.21 -4.29
N HIS B 275 -0.53 -2.21 -5.17
CA HIS B 275 -1.73 -3.02 -5.33
C HIS B 275 -1.58 -4.43 -4.82
N ILE B 276 -2.69 -4.98 -4.31
CA ILE B 276 -2.81 -6.35 -3.81
C ILE B 276 -4.08 -6.91 -4.47
N GLU B 277 -3.94 -8.04 -5.18
CA GLU B 277 -5.02 -8.74 -5.89
C GLU B 277 -5.14 -10.14 -5.29
N GLY B 278 -5.72 -10.18 -4.11
CA GLY B 278 -5.90 -11.42 -3.36
C GLY B 278 -4.63 -11.82 -2.67
N THR B 279 -4.06 -12.96 -3.07
CA THR B 279 -2.82 -13.47 -2.48
C THR B 279 -1.62 -12.81 -3.12
N LYS B 280 -1.81 -12.14 -4.29
CA LYS B 280 -0.78 -11.46 -5.09
C LYS B 280 -0.48 -10.03 -4.61
N TYR B 281 0.74 -9.82 -4.02
CA TYR B 281 1.32 -8.54 -3.55
C TYR B 281 2.21 -8.02 -4.70
N HIS B 282 1.91 -6.81 -5.25
CA HIS B 282 2.59 -6.26 -6.44
C HIS B 282 3.60 -5.17 -6.19
N LEU B 283 4.77 -5.29 -6.83
CA LEU B 283 5.82 -4.28 -6.83
C LEU B 283 5.31 -3.20 -7.75
N LYS B 284 5.19 -1.94 -7.25
CA LYS B 284 4.67 -0.79 -7.98
C LYS B 284 5.61 -0.34 -9.10
N SER B 285 6.92 -0.48 -8.87
CA SER B 285 7.91 -0.15 -9.86
C SER B 285 8.94 -1.26 -9.96
N GLY B 286 9.45 -1.43 -11.16
CA GLY B 286 10.47 -2.40 -11.52
C GLY B 286 10.54 -2.49 -13.03
N HIS B 287 11.48 -3.30 -13.51
CA HIS B 287 11.72 -3.56 -14.92
C HIS B 287 12.38 -4.91 -15.07
N VAL B 288 12.41 -5.42 -16.28
CA VAL B 288 12.99 -6.71 -16.63
C VAL B 288 13.76 -6.55 -17.95
N THR B 289 14.76 -7.38 -18.20
CA THR B 289 15.47 -7.31 -19.49
C THR B 289 15.27 -8.62 -20.28
N CYS B 290 14.67 -8.52 -21.50
CA CYS B 290 14.41 -9.65 -22.38
C CYS B 290 15.18 -9.64 -23.64
N GLU B 291 15.50 -10.82 -24.12
CA GLU B 291 16.06 -11.11 -25.40
C GLU B 291 14.87 -11.73 -26.10
N VAL B 292 14.30 -11.00 -27.05
CA VAL B 292 13.12 -11.43 -27.82
C VAL B 292 13.56 -12.04 -29.17
N GLY B 293 13.16 -13.28 -29.39
CA GLY B 293 13.50 -14.04 -30.58
C GLY B 293 12.35 -14.09 -31.56
N LEU B 294 12.55 -13.49 -32.73
CA LEU B 294 11.53 -13.38 -33.77
C LEU B 294 11.67 -14.35 -34.95
N GLU B 295 12.78 -15.11 -35.05
CA GLU B 295 13.04 -16.05 -36.15
C GLU B 295 11.83 -16.94 -36.54
N LYS B 296 11.05 -17.42 -35.56
CA LYS B 296 9.94 -18.33 -35.80
C LYS B 296 8.61 -17.60 -35.98
N LEU B 297 8.65 -16.30 -36.26
CA LEU B 297 7.43 -15.53 -36.50
C LEU B 297 7.14 -15.51 -37.95
N LYS B 298 5.93 -15.90 -38.29
CA LYS B 298 5.45 -15.93 -39.66
C LYS B 298 4.36 -14.90 -39.90
N MET B 299 4.32 -14.37 -41.13
CA MET B 299 3.36 -13.36 -41.59
C MET B 299 2.03 -14.06 -41.90
N LYS B 300 0.93 -13.56 -41.31
CA LYS B 300 -0.42 -14.13 -41.52
C LYS B 300 -1.06 -13.51 -42.76
N GLY B 301 -1.83 -14.32 -43.48
CA GLY B 301 -2.58 -13.88 -44.65
C GLY B 301 -1.79 -13.38 -45.84
N LEU B 302 -0.70 -14.10 -46.18
CA LEU B 302 0.17 -13.78 -47.31
C LEU B 302 -0.47 -14.15 -48.66
N THR B 303 -1.13 -15.34 -48.74
CA THR B 303 -1.77 -15.86 -49.96
C THR B 303 -3.25 -15.38 -50.15
N TYR B 304 -3.70 -14.40 -49.32
CA TYR B 304 -5.02 -13.76 -49.37
C TYR B 304 -5.12 -12.89 -50.62
N THR B 305 -6.36 -12.67 -51.12
CA THR B 305 -6.61 -11.79 -52.28
C THR B 305 -6.43 -10.33 -51.85
N MET B 306 -6.15 -9.42 -52.79
CA MET B 306 -6.01 -8.02 -52.43
C MET B 306 -7.40 -7.38 -52.45
N CYS B 307 -7.72 -6.65 -51.37
CA CYS B 307 -9.01 -5.97 -51.18
C CYS B 307 -9.32 -5.05 -52.37
N ASP B 308 -10.59 -5.03 -52.80
CA ASP B 308 -11.03 -4.15 -53.88
C ASP B 308 -10.79 -2.71 -53.46
N LYS B 309 -10.06 -1.95 -54.29
CA LYS B 309 -9.68 -0.56 -54.07
C LYS B 309 -10.83 0.42 -53.74
N THR B 310 -12.03 0.14 -54.26
CA THR B 310 -13.19 1.02 -54.11
C THR B 310 -14.12 0.69 -52.94
N LYS B 311 -13.87 -0.42 -52.25
CA LYS B 311 -14.76 -0.83 -51.17
C LYS B 311 -14.33 -0.30 -49.77
N PHE B 312 -13.56 0.80 -49.70
CA PHE B 312 -13.15 1.33 -48.41
C PHE B 312 -13.90 2.61 -47.96
N THR B 313 -13.99 2.76 -46.63
CA THR B 313 -14.67 3.79 -45.87
C THR B 313 -13.76 4.11 -44.67
N TRP B 314 -13.77 5.37 -44.18
CA TRP B 314 -13.02 5.73 -42.96
C TRP B 314 -13.90 5.45 -41.70
N LYS B 315 -13.50 4.43 -40.90
CA LYS B 315 -14.13 4.09 -39.63
C LYS B 315 -13.62 5.17 -38.66
N ARG B 316 -12.31 5.44 -38.70
N ARG B 316 -12.33 5.46 -38.73
CA ARG B 316 -11.59 6.43 -37.89
CA ARG B 316 -11.62 6.48 -37.94
C ARG B 316 -10.48 6.98 -38.78
C ARG B 316 -10.50 6.99 -38.81
N ALA B 317 -10.62 8.25 -39.25
CA ALA B 317 -9.65 8.87 -40.16
C ALA B 317 -8.29 9.12 -39.51
N PRO B 318 -7.20 9.20 -40.32
CA PRO B 318 -5.86 9.43 -39.74
C PRO B 318 -5.85 10.44 -38.61
N THR B 319 -5.29 10.04 -37.46
CA THR B 319 -5.12 10.86 -36.25
C THR B 319 -3.72 10.60 -35.64
N ASP B 320 -3.15 11.62 -34.92
CA ASP B 320 -1.85 11.45 -34.25
C ASP B 320 -1.98 10.49 -33.09
N SER B 321 -1.07 9.52 -33.06
CA SER B 321 -1.03 8.46 -32.04
C SER B 321 -0.45 8.96 -30.73
N GLY B 322 0.22 10.10 -30.75
CA GLY B 322 0.91 10.64 -29.58
C GLY B 322 2.34 10.15 -29.50
N HIS B 323 2.79 9.40 -30.52
CA HIS B 323 4.15 8.86 -30.55
C HIS B 323 4.82 9.03 -31.90
N ASP B 324 4.48 10.13 -32.59
CA ASP B 324 5.01 10.53 -33.89
C ASP B 324 4.60 9.55 -35.03
N THR B 325 3.58 8.72 -34.79
CA THR B 325 2.99 7.79 -35.78
C THR B 325 1.54 8.22 -36.00
N VAL B 326 0.93 7.80 -37.13
CA VAL B 326 -0.45 8.10 -37.50
C VAL B 326 -1.21 6.79 -37.40
N VAL B 327 -2.35 6.82 -36.71
CA VAL B 327 -3.23 5.66 -36.60
C VAL B 327 -4.53 5.90 -37.37
N MET B 328 -5.19 4.81 -37.81
CA MET B 328 -6.49 4.86 -38.51
C MET B 328 -7.20 3.51 -38.52
N GLU B 329 -8.52 3.52 -38.77
CA GLU B 329 -9.37 2.33 -38.90
C GLU B 329 -10.25 2.50 -40.14
N VAL B 330 -10.36 1.43 -40.96
CA VAL B 330 -11.14 1.39 -42.21
C VAL B 330 -12.26 0.36 -42.14
N THR B 331 -13.34 0.61 -42.89
CA THR B 331 -14.45 -0.33 -43.03
C THR B 331 -14.47 -0.75 -44.49
N PHE B 332 -14.38 -2.05 -44.72
CA PHE B 332 -14.35 -2.64 -46.06
C PHE B 332 -15.66 -3.34 -46.41
N SER B 333 -16.44 -2.72 -47.29
CA SER B 333 -17.75 -3.23 -47.72
C SER B 333 -17.71 -4.53 -48.55
N GLY B 334 -16.61 -4.80 -49.26
CA GLY B 334 -16.45 -5.98 -50.11
C GLY B 334 -16.36 -7.33 -49.40
N THR B 335 -15.93 -8.38 -50.14
CA THR B 335 -15.81 -9.77 -49.65
C THR B 335 -14.48 -10.01 -48.93
N LYS B 336 -14.57 -10.62 -47.73
CA LYS B 336 -13.48 -10.97 -46.80
C LYS B 336 -13.12 -12.47 -46.92
N PRO B 337 -11.88 -12.91 -46.56
CA PRO B 337 -10.73 -12.10 -46.10
C PRO B 337 -9.91 -11.56 -47.26
N CYS B 338 -9.04 -10.55 -46.99
CA CYS B 338 -8.18 -9.93 -48.00
C CYS B 338 -7.11 -9.01 -47.40
N ARG B 339 -6.04 -8.68 -48.20
CA ARG B 339 -4.93 -7.77 -47.85
C ARG B 339 -5.27 -6.34 -48.33
N ILE B 340 -5.09 -5.35 -47.43
CA ILE B 340 -5.39 -3.95 -47.68
C ILE B 340 -4.31 -3.27 -48.55
N PRO B 341 -4.70 -2.52 -49.61
CA PRO B 341 -3.72 -1.77 -50.40
C PRO B 341 -3.44 -0.39 -49.78
N VAL B 342 -2.61 -0.36 -48.75
CA VAL B 342 -2.31 0.91 -48.09
C VAL B 342 -0.91 1.46 -48.50
N ARG B 343 -0.86 2.79 -48.76
CA ARG B 343 0.32 3.58 -49.07
C ARG B 343 0.09 5.09 -48.72
N ALA B 344 1.15 5.89 -48.72
CA ALA B 344 1.15 7.33 -48.49
C ALA B 344 2.20 7.96 -49.42
N VAL B 345 1.98 9.19 -49.84
CA VAL B 345 2.89 9.87 -50.77
C VAL B 345 3.10 11.29 -50.28
N ALA B 346 4.29 11.84 -50.51
CA ALA B 346 4.60 13.20 -50.17
C ALA B 346 4.26 13.99 -51.40
N HIS B 347 3.60 15.16 -51.22
CA HIS B 347 3.23 16.04 -52.32
C HIS B 347 4.40 16.30 -53.27
N GLY B 348 4.16 16.10 -54.55
CA GLY B 348 5.19 16.30 -55.54
C GLY B 348 5.82 15.02 -56.01
N SER B 349 5.64 13.93 -55.24
CA SER B 349 6.16 12.59 -55.57
C SER B 349 5.05 11.49 -55.58
N PRO B 350 4.09 11.51 -56.55
CA PRO B 350 3.03 10.47 -56.57
C PRO B 350 3.51 9.02 -56.59
N ASP B 351 4.67 8.73 -57.21
CA ASP B 351 5.23 7.39 -57.40
C ASP B 351 6.02 6.82 -56.23
N VAL B 352 6.23 7.59 -55.17
CA VAL B 352 7.04 7.10 -54.04
C VAL B 352 6.21 6.90 -52.80
N ASN B 353 6.20 5.66 -52.29
CA ASN B 353 5.55 5.28 -51.04
C ASN B 353 6.46 5.72 -49.89
N VAL B 354 5.95 6.60 -49.01
CA VAL B 354 6.66 7.16 -47.85
C VAL B 354 6.19 6.53 -46.50
N ALA B 355 5.11 5.70 -46.55
CA ALA B 355 4.54 5.01 -45.39
C ALA B 355 5.43 3.87 -44.85
N MET B 356 6.00 4.08 -43.65
CA MET B 356 6.81 3.11 -42.94
C MET B 356 5.81 2.48 -41.97
N LEU B 357 5.07 1.43 -42.42
CA LEU B 357 4.00 0.71 -41.70
C LEU B 357 4.42 0.05 -40.38
N ILE B 358 3.71 0.38 -39.28
CA ILE B 358 3.91 -0.21 -37.94
C ILE B 358 3.08 -1.52 -37.85
N THR B 359 2.07 -1.70 -38.74
CA THR B 359 1.21 -2.88 -38.91
C THR B 359 1.50 -3.36 -40.35
N PRO B 360 2.54 -4.23 -40.53
CA PRO B 360 3.09 -4.52 -41.87
C PRO B 360 2.23 -5.13 -42.97
N ASN B 361 1.24 -5.96 -42.66
CA ASN B 361 0.47 -6.53 -43.78
C ASN B 361 -1.01 -6.41 -43.42
N PRO B 362 -1.60 -5.18 -43.41
CA PRO B 362 -2.98 -5.05 -42.93
C PRO B 362 -3.95 -5.86 -43.72
N THR B 363 -4.76 -6.65 -43.01
CA THR B 363 -5.74 -7.54 -43.59
C THR B 363 -7.14 -7.30 -43.01
N ILE B 364 -8.18 -7.49 -43.86
CA ILE B 364 -9.57 -7.40 -43.45
C ILE B 364 -10.05 -8.83 -43.20
N GLU B 365 -10.24 -9.17 -41.92
CA GLU B 365 -10.68 -10.50 -41.51
C GLU B 365 -12.19 -10.63 -41.57
N ASN B 366 -12.71 -11.88 -41.56
CA ASN B 366 -14.15 -12.12 -41.57
C ASN B 366 -14.75 -11.87 -40.17
N ASN B 367 -13.89 -11.46 -39.22
CA ASN B 367 -14.24 -11.10 -37.86
C ASN B 367 -13.84 -9.62 -37.67
N GLY B 368 -12.58 -9.38 -37.30
CA GLY B 368 -12.01 -8.05 -37.10
C GLY B 368 -11.29 -7.50 -38.32
N GLY B 369 -10.18 -6.79 -38.07
CA GLY B 369 -9.32 -6.17 -39.09
C GLY B 369 -9.72 -4.77 -39.56
N GLY B 370 -8.73 -4.00 -40.00
CA GLY B 370 -8.93 -2.65 -40.51
C GLY B 370 -8.07 -1.56 -39.91
N PHE B 371 -7.26 -1.89 -38.90
CA PHE B 371 -6.43 -0.91 -38.22
C PHE B 371 -5.05 -0.78 -38.87
N ILE B 372 -4.68 0.45 -39.26
CA ILE B 372 -3.38 0.73 -39.83
C ILE B 372 -2.63 1.78 -38.99
N GLU B 373 -1.34 1.55 -38.75
CA GLU B 373 -0.48 2.49 -38.07
C GLU B 373 0.77 2.71 -38.90
N MET B 374 1.18 3.95 -39.09
CA MET B 374 2.34 4.24 -39.93
C MET B 374 3.10 5.47 -39.48
N GLN B 375 4.38 5.52 -39.85
CA GLN B 375 5.30 6.63 -39.61
C GLN B 375 5.43 7.32 -40.96
N LEU B 376 5.23 8.63 -40.98
CA LEU B 376 5.25 9.45 -42.18
C LEU B 376 6.27 10.58 -42.06
N PRO B 377 6.92 10.97 -43.18
CA PRO B 377 7.93 12.02 -43.09
C PRO B 377 7.27 13.35 -42.73
N PRO B 378 8.02 14.34 -42.20
CA PRO B 378 7.40 15.63 -41.89
C PRO B 378 6.89 16.31 -43.16
N GLY B 379 5.80 17.06 -43.02
CA GLY B 379 5.18 17.79 -44.13
C GLY B 379 3.84 17.29 -44.61
N ASP B 380 3.45 17.75 -45.79
CA ASP B 380 2.19 17.39 -46.41
C ASP B 380 2.26 16.08 -47.15
N ASN B 381 1.46 15.14 -46.68
CA ASN B 381 1.31 13.78 -47.23
C ASN B 381 -0.17 13.54 -47.57
N ILE B 382 -0.44 12.48 -48.36
CA ILE B 382 -1.77 11.99 -48.69
C ILE B 382 -1.67 10.52 -48.35
N ILE B 383 -2.58 10.02 -47.49
CA ILE B 383 -2.72 8.60 -47.09
C ILE B 383 -3.80 7.95 -47.98
N TYR B 384 -3.47 6.80 -48.60
CA TYR B 384 -4.34 5.98 -49.48
C TYR B 384 -4.60 4.58 -48.94
N VAL B 385 -5.87 4.24 -48.76
CA VAL B 385 -6.30 2.89 -48.40
C VAL B 385 -7.14 2.47 -49.61
N GLY B 386 -6.42 2.02 -50.64
CA GLY B 386 -6.98 1.70 -51.94
C GLY B 386 -7.14 3.01 -52.65
N GLU B 387 -8.35 3.28 -53.14
CA GLU B 387 -8.68 4.52 -53.80
C GLU B 387 -9.07 5.60 -52.76
N LEU B 388 -9.37 5.17 -51.51
CA LEU B 388 -9.76 6.04 -50.39
C LEU B 388 -8.56 6.84 -49.90
N SER B 389 -8.65 8.15 -50.06
CA SER B 389 -7.57 9.03 -49.65
C SER B 389 -7.96 9.84 -48.44
N HIS B 390 -6.93 10.48 -47.85
CA HIS B 390 -7.03 11.45 -46.79
C HIS B 390 -5.71 12.18 -46.66
N GLN B 391 -5.74 13.52 -46.68
CA GLN B 391 -4.56 14.38 -46.50
C GLN B 391 -4.07 14.32 -45.03
N TRP B 392 -2.74 14.35 -44.84
CA TRP B 392 -2.20 14.36 -43.50
C TRP B 392 -0.98 15.25 -43.40
N PHE B 393 -0.95 16.17 -42.45
CA PHE B 393 0.24 16.99 -42.28
C PHE B 393 1.01 16.41 -41.11
N GLN B 394 2.30 16.19 -41.27
CA GLN B 394 3.09 15.62 -40.19
C GLN B 394 4.01 16.64 -39.53
N LYS B 395 3.87 16.76 -38.22
CA LYS B 395 4.65 17.70 -37.44
C LYS B 395 6.14 17.36 -37.45
N GLY B 396 6.96 18.40 -37.53
CA GLY B 396 8.40 18.24 -37.54
C GLY B 396 8.97 17.79 -36.21
N SER B 397 10.06 17.03 -36.29
CA SER B 397 10.78 16.53 -35.13
C SER B 397 9.88 15.75 -34.19
N SER B 398 10.03 16.00 -32.88
CA SER B 398 9.22 15.34 -31.87
C SER B 398 8.90 16.29 -30.72
N ILE B 399 7.71 16.16 -30.16
CA ILE B 399 7.29 17.00 -29.05
C ILE B 399 7.58 16.33 -27.70
N GLY B 400 8.08 15.10 -27.75
CA GLY B 400 8.38 14.34 -26.55
C GLY B 400 9.24 15.10 -25.55
C ACT C . -5.62 16.26 43.29
O ACT C . -5.72 17.21 44.15
OXT ACT C . -4.91 15.22 43.40
CH3 ACT C . -6.44 16.38 41.98
C ACT D . -1.82 -17.62 -45.77
O ACT D . -2.32 -16.73 -46.49
OXT ACT D . -2.47 -18.59 -45.29
CH3 ACT D . -0.29 -17.51 -45.47
S SO4 E . 10.74 -8.35 10.80
O1 SO4 E . 10.73 -7.34 9.71
O2 SO4 E . 11.61 -7.91 11.93
O3 SO4 E . 11.20 -9.60 10.27
O4 SO4 E . 9.37 -8.59 11.26
S SO4 F . 6.74 10.81 29.65
O1 SO4 F . 7.00 12.22 29.89
O2 SO4 F . 7.80 9.98 30.29
O3 SO4 F . 5.42 10.51 30.20
O4 SO4 F . 6.72 10.58 28.21
S SO4 G . -2.17 -10.83 16.73
O1 SO4 G . -0.74 -11.07 16.89
O2 SO4 G . -2.59 -9.69 17.55
O3 SO4 G . -2.45 -10.54 15.33
O4 SO4 G . -2.89 -12.03 17.16
S SO4 H . 13.49 6.49 41.81
O1 SO4 H . 12.27 7.20 42.21
O2 SO4 H . 14.68 7.29 42.12
O3 SO4 H . 13.57 5.21 42.52
O4 SO4 H . 13.45 6.26 40.35
S SO4 I . -3.82 -6.60 20.95
O1 SO4 I . -4.47 -5.35 21.32
O2 SO4 I . -2.59 -6.78 21.73
O3 SO4 I . -4.73 -7.73 21.23
O4 SO4 I . -3.53 -6.57 19.50
S SO4 J . 4.42 4.87 53.67
O1 SO4 J . 4.93 5.27 52.37
O2 SO4 J . 5.22 5.48 54.72
O3 SO4 J . 4.51 3.41 53.79
O4 SO4 J . 3.01 5.28 53.83
S SO4 K . -5.51 -11.53 -20.33
O1 SO4 K . -5.04 -10.14 -20.26
O2 SO4 K . -6.13 -11.87 -19.06
O3 SO4 K . -4.39 -12.42 -20.62
O4 SO4 K . -6.51 -11.64 -21.40
S SO4 L . -1.59 16.77 34.60
O1 SO4 L . -0.24 17.28 34.30
O2 SO4 L . -2.25 17.66 35.56
O3 SO4 L . -1.56 15.40 35.12
O4 SO4 L . -2.36 16.73 33.36
#